data_7RJZ
#
_entry.id   7RJZ
#
_cell.length_a   60.400
_cell.length_b   107.370
_cell.length_c   44.300
_cell.angle_alpha   90.00
_cell.angle_beta   90.00
_cell.angle_gamma   90.00
#
_symmetry.space_group_name_H-M   'P 21 21 2'
#
loop_
_entity.id
_entity.type
_entity.pdbx_description
1 polymer BthTX-IIa
2 non-polymer 'BENZOIC ACID'
3 water water
#
_entity_poly.entity_id   1
_entity_poly.type   'polypeptide(L)'
_entity_poly.pdbx_seq_one_letter_code
;DLWQFGQMILKETGKLPFPYYTTYGCYCGWGGQGQPKDATDRCCFVHDCCYGKLTACKPKTDRYSYSRENGVIICGEGTP
CQKQICECDKAAAVCFRENLRTYLARYMAYPDVLCAVPEKC
;
_entity_poly.pdbx_strand_id   A,B
#
loop_
_chem_comp.id
_chem_comp.type
_chem_comp.name
_chem_comp.formula
BEZ non-polymer 'BENZOIC ACID' 'C7 H6 O2'
#
# COMPACT_ATOMS: atom_id res chain seq x y z
N ASP A 1 2.19 -11.23 -10.57
CA ASP A 1 2.58 -10.95 -9.20
C ASP A 1 2.13 -9.55 -8.76
N LEU A 2 2.46 -9.17 -7.53
CA LEU A 2 1.94 -7.90 -6.99
C LEU A 2 2.45 -6.71 -7.78
N TRP A 3 3.72 -6.73 -8.20
CA TRP A 3 4.24 -5.65 -9.03
C TRP A 3 3.37 -5.46 -10.28
N GLN A 4 3.01 -6.55 -10.94
CA GLN A 4 2.20 -6.47 -12.15
C GLN A 4 0.80 -5.93 -11.84
N PHE A 5 0.20 -6.39 -10.74
CA PHE A 5 -1.10 -5.86 -10.34
C PHE A 5 -1.05 -4.36 -10.15
N GLY A 6 0.01 -3.87 -9.51
CA GLY A 6 0.17 -2.43 -9.34
C GLY A 6 0.32 -1.70 -10.65
N GLN A 7 1.01 -2.31 -11.61
CA GLN A 7 1.13 -1.70 -12.94
C GLN A 7 -0.23 -1.60 -13.60
N MET A 8 -1.04 -2.66 -13.50
CA MET A 8 -2.39 -2.63 -14.04
C MET A 8 -3.22 -1.51 -13.41
N ILE A 9 -3.08 -1.34 -12.09
CA ILE A 9 -3.83 -0.29 -11.40
C ILE A 9 -3.46 1.08 -11.94
N LEU A 10 -2.15 1.33 -12.10
CA LEU A 10 -1.70 2.61 -12.62
C LEU A 10 -2.21 2.84 -14.04
N LYS A 11 -2.12 1.81 -14.88
CA LYS A 11 -2.52 1.96 -16.28
C LYS A 11 -4.02 2.20 -16.41
N GLU A 12 -4.83 1.53 -15.59
CA GLU A 12 -6.28 1.65 -15.73
C GLU A 12 -6.82 2.91 -15.06
N THR A 13 -6.23 3.35 -13.94
CA THR A 13 -6.78 4.45 -13.17
C THR A 13 -6.03 5.75 -13.31
N GLY A 14 -4.79 5.73 -13.78
CA GLY A 14 -3.97 6.93 -13.75
C GLY A 14 -3.48 7.30 -12.36
N LYS A 15 -3.66 6.42 -11.38
CA LYS A 15 -3.22 6.66 -10.01
C LYS A 15 -2.31 5.51 -9.57
N LEU A 16 -1.27 5.85 -8.82
CA LEU A 16 -0.45 4.84 -8.20
C LEU A 16 -1.23 4.19 -7.06
N PRO A 17 -1.03 2.88 -6.84
CA PRO A 17 -1.76 2.19 -5.75
C PRO A 17 -1.59 2.85 -4.39
N PHE A 18 -0.37 3.27 -4.03
CA PHE A 18 -0.20 4.04 -2.82
C PHE A 18 -0.18 5.52 -3.13
N PRO A 19 -0.96 6.36 -2.42
CA PRO A 19 -1.88 5.97 -1.34
C PRO A 19 -3.33 5.82 -1.76
N TYR A 20 -3.61 6.06 -3.05
CA TYR A 20 -4.99 6.22 -3.51
C TYR A 20 -5.84 4.98 -3.31
N TYR A 21 -5.25 3.79 -3.39
CA TYR A 21 -6.02 2.58 -3.18
C TYR A 21 -5.56 1.74 -2.00
N THR A 22 -4.27 1.74 -1.67
CA THR A 22 -3.81 0.94 -0.54
C THR A 22 -4.31 1.46 0.79
N THR A 23 -4.72 2.74 0.87
CA THR A 23 -5.23 3.31 2.11
C THR A 23 -6.72 3.62 2.04
N TYR A 24 -7.44 3.06 1.06
CA TYR A 24 -8.81 3.47 0.77
C TYR A 24 -9.82 2.71 1.62
N GLY A 25 -10.65 3.45 2.35
CA GLY A 25 -11.86 2.88 2.92
C GLY A 25 -11.60 1.87 4.04
N CYS A 26 -12.52 0.90 4.14
CA CYS A 26 -12.53 -0.06 5.23
C CYS A 26 -12.11 -1.46 4.83
N TYR A 27 -11.92 -1.72 3.54
CA TYR A 27 -11.42 -3.01 3.08
C TYR A 27 -10.06 -2.87 2.42
N CYS A 28 -9.95 -2.11 1.33
CA CYS A 28 -8.66 -1.87 0.69
C CYS A 28 -7.65 -1.36 1.72
N GLY A 29 -8.03 -0.35 2.48
CA GLY A 29 -7.12 0.33 3.38
C GLY A 29 -7.05 -0.20 4.79
N TRP A 30 -7.79 -1.25 5.12
CA TRP A 30 -7.80 -1.79 6.47
C TRP A 30 -7.64 -3.31 6.46
N GLY A 31 -6.80 -3.80 5.54
CA GLY A 31 -6.47 -5.22 5.50
C GLY A 31 -7.64 -6.16 5.41
N GLY A 32 -8.70 -5.75 4.71
CA GLY A 32 -9.86 -6.61 4.54
C GLY A 32 -10.67 -6.85 5.80
N GLN A 33 -10.53 -6.00 6.81
CA GLN A 33 -11.16 -6.23 8.11
C GLN A 33 -12.52 -5.59 8.25
N GLY A 34 -12.88 -4.62 7.40
CA GLY A 34 -14.11 -3.88 7.55
C GLY A 34 -15.02 -4.09 6.36
N GLN A 35 -16.27 -3.64 6.51
CA GLN A 35 -17.08 -3.87 5.33
C GLN A 35 -16.79 -2.77 4.31
N PRO A 36 -16.74 -3.12 3.02
CA PRO A 36 -16.52 -2.10 1.98
C PRO A 36 -17.49 -0.93 2.08
N LYS A 37 -16.93 0.28 2.02
CA LYS A 37 -17.71 1.51 2.13
C LYS A 37 -18.42 1.88 0.84
N ASP A 38 -17.84 1.56 -0.31
CA ASP A 38 -18.44 1.93 -1.59
C ASP A 38 -17.92 0.96 -2.65
N ALA A 39 -18.17 1.29 -3.93
CA ALA A 39 -17.84 0.36 -5.01
C ALA A 39 -16.34 0.18 -5.15
N THR A 40 -15.57 1.28 -5.03
CA THR A 40 -14.11 1.17 -5.09
C THR A 40 -13.59 0.23 -4.01
N ASP A 41 -14.07 0.42 -2.78
CA ASP A 41 -13.69 -0.45 -1.67
C ASP A 41 -14.02 -1.91 -1.98
N ARG A 42 -15.19 -2.16 -2.57
CA ARG A 42 -15.60 -3.53 -2.89
C ARG A 42 -14.69 -4.18 -3.92
N CYS A 43 -14.05 -3.39 -4.79
CA CYS A 43 -13.13 -3.96 -5.76
C CYS A 43 -12.06 -4.82 -5.08
N CYS A 44 -11.57 -4.36 -3.93
CA CYS A 44 -10.56 -5.12 -3.20
C CYS A 44 -11.14 -6.40 -2.61
N PHE A 45 -12.39 -6.34 -2.13
CA PHE A 45 -13.06 -7.52 -1.62
C PHE A 45 -13.17 -8.58 -2.71
N VAL A 46 -13.65 -8.20 -3.88
CA VAL A 46 -13.80 -9.13 -4.99
C VAL A 46 -12.43 -9.67 -5.41
N HIS A 47 -11.40 -8.82 -5.39
CA HIS A 47 -10.06 -9.27 -5.75
C HIS A 47 -9.58 -10.37 -4.80
N ASP A 48 -9.76 -10.16 -3.49
CA ASP A 48 -9.39 -11.20 -2.53
C ASP A 48 -10.17 -12.48 -2.76
N CYS A 49 -11.48 -12.34 -3.02
CA CYS A 49 -12.31 -13.51 -3.28
C CYS A 49 -11.83 -14.25 -4.54
N CYS A 50 -11.43 -13.49 -5.55
CA CYS A 50 -10.93 -14.08 -6.79
C CYS A 50 -9.66 -14.88 -6.54
N TYR A 51 -8.73 -14.32 -5.75
CA TYR A 51 -7.53 -15.06 -5.38
C TYR A 51 -7.88 -16.31 -4.58
N GLY A 52 -8.90 -16.24 -3.74
CA GLY A 52 -9.29 -17.37 -2.91
C GLY A 52 -9.81 -18.56 -3.70
N LYS A 53 -10.28 -18.33 -4.92
CA LYS A 53 -10.68 -19.43 -5.79
C LYS A 53 -9.50 -20.18 -6.37
N LEU A 54 -8.30 -19.63 -6.29
CA LEU A 54 -7.11 -20.20 -6.91
C LEU A 54 -6.25 -20.91 -5.87
N THR A 55 -6.85 -21.90 -5.22
CA THR A 55 -6.18 -22.61 -4.15
C THR A 55 -4.92 -23.34 -4.60
N ALA A 56 -4.79 -23.61 -5.90
CA ALA A 56 -3.63 -24.29 -6.44
C ALA A 56 -2.56 -23.33 -6.99
N CYS A 57 -2.64 -22.04 -6.67
CA CYS A 57 -1.78 -21.04 -7.27
C CYS A 57 -1.12 -20.17 -6.21
N LYS A 58 -0.18 -19.34 -6.67
CA LYS A 58 0.56 -18.39 -5.84
C LYS A 58 0.34 -17.00 -6.42
N PRO A 59 -0.83 -16.40 -6.18
CA PRO A 59 -1.19 -15.17 -6.91
C PRO A 59 -0.27 -13.99 -6.64
N LYS A 60 0.47 -14.01 -5.54
CA LYS A 60 1.25 -12.85 -5.15
C LYS A 60 2.67 -12.84 -5.72
N THR A 61 3.17 -14.01 -6.16
CA THR A 61 4.53 -14.14 -6.65
C THR A 61 4.64 -14.64 -8.08
N ASP A 62 3.63 -15.31 -8.61
CA ASP A 62 3.70 -15.86 -9.96
C ASP A 62 3.56 -14.74 -10.98
N ARG A 63 4.54 -14.65 -11.89
CA ARG A 63 4.53 -13.64 -12.93
C ARG A 63 3.84 -14.19 -14.17
N TYR A 64 2.87 -13.44 -14.68
CA TYR A 64 2.09 -13.82 -15.85
C TYR A 64 2.45 -12.91 -17.03
N SER A 65 1.79 -13.14 -18.15
CA SER A 65 1.97 -12.33 -19.35
C SER A 65 0.69 -11.59 -19.67
N TYR A 66 0.82 -10.31 -20.04
CA TYR A 66 -0.34 -9.54 -20.49
C TYR A 66 0.16 -8.37 -21.32
N SER A 67 -0.77 -7.78 -22.07
CA SER A 67 -0.51 -6.58 -22.85
C SER A 67 -1.70 -5.64 -22.72
N ARG A 68 -1.49 -4.39 -23.12
CA ARG A 68 -2.56 -3.39 -23.07
C ARG A 68 -2.35 -2.38 -24.20
N GLU A 69 -2.17 -2.90 -25.42
CA GLU A 69 -1.82 -2.04 -26.55
C GLU A 69 -2.97 -1.14 -26.97
N ASN A 70 -4.21 -1.61 -26.82
CA ASN A 70 -5.37 -0.87 -27.31
C ASN A 70 -6.32 -0.47 -26.18
N GLY A 71 -5.75 -0.16 -25.01
CA GLY A 71 -6.54 0.34 -23.90
C GLY A 71 -7.30 -0.71 -23.12
N VAL A 72 -7.12 -1.99 -23.42
CA VAL A 72 -7.77 -3.09 -22.72
C VAL A 72 -6.69 -4.10 -22.34
N ILE A 73 -6.71 -4.55 -21.09
CA ILE A 73 -5.75 -5.55 -20.64
C ILE A 73 -6.12 -6.89 -21.27
N ILE A 74 -5.15 -7.51 -21.93
CA ILE A 74 -5.31 -8.83 -22.55
C ILE A 74 -4.36 -9.79 -21.87
N CYS A 75 -4.91 -10.73 -21.10
CA CYS A 75 -4.06 -11.75 -20.49
C CYS A 75 -3.58 -12.73 -21.55
N GLY A 76 -2.26 -12.95 -21.59
CA GLY A 76 -1.63 -13.74 -22.62
C GLY A 76 -1.50 -15.21 -22.25
N GLU A 77 -0.61 -15.89 -22.97
CA GLU A 77 -0.40 -17.30 -22.75
C GLU A 77 0.40 -17.54 -21.47
N GLY A 78 0.25 -18.74 -20.92
CA GLY A 78 0.95 -19.11 -19.70
C GLY A 78 0.30 -20.32 -19.07
N THR A 79 0.76 -20.65 -17.87
CA THR A 79 0.15 -21.72 -17.11
C THR A 79 -1.29 -21.36 -16.75
N PRO A 80 -2.13 -22.36 -16.45
CA PRO A 80 -3.49 -22.03 -16.01
C PRO A 80 -3.52 -21.09 -14.81
N CYS A 81 -2.61 -21.28 -13.85
CA CYS A 81 -2.55 -20.38 -12.71
C CYS A 81 -2.20 -18.95 -13.15
N GLN A 82 -1.24 -18.82 -14.07
CA GLN A 82 -0.83 -17.49 -14.51
C GLN A 82 -1.98 -16.75 -15.17
N LYS A 83 -2.78 -17.45 -15.98
CA LYS A 83 -3.91 -16.79 -16.64
C LYS A 83 -5.01 -16.46 -15.65
N GLN A 84 -5.30 -17.36 -14.71
CA GLN A 84 -6.34 -17.08 -13.72
C GLN A 84 -5.95 -15.91 -12.81
N ILE A 85 -4.67 -15.87 -12.39
CA ILE A 85 -4.20 -14.75 -11.58
C ILE A 85 -4.32 -13.45 -12.35
N CYS A 86 -3.87 -13.47 -13.62
CA CYS A 86 -3.97 -12.29 -14.48
C CYS A 86 -5.40 -11.79 -14.59
N GLU A 87 -6.37 -12.71 -14.74
CA GLU A 87 -7.75 -12.28 -14.86
C GLU A 87 -8.27 -11.66 -13.58
N CYS A 88 -7.86 -12.18 -12.42
CA CYS A 88 -8.22 -11.55 -11.15
C CYS A 88 -7.67 -10.13 -11.09
N ASP A 89 -6.40 -9.96 -11.46
CA ASP A 89 -5.76 -8.65 -11.39
C ASP A 89 -6.40 -7.68 -12.36
N LYS A 90 -6.67 -8.13 -13.59
CA LYS A 90 -7.33 -7.28 -14.59
C LYS A 90 -8.70 -6.83 -14.09
N ALA A 91 -9.49 -7.76 -13.56
CA ALA A 91 -10.84 -7.41 -13.12
C ALA A 91 -10.82 -6.36 -12.01
N ALA A 92 -9.84 -6.45 -11.12
CA ALA A 92 -9.77 -5.48 -10.02
C ALA A 92 -9.33 -4.11 -10.52
N ALA A 93 -8.34 -4.06 -11.42
CA ALA A 93 -7.89 -2.79 -11.97
C ALA A 93 -8.99 -2.11 -12.76
N VAL A 94 -9.70 -2.89 -13.59
CA VAL A 94 -10.85 -2.36 -14.31
C VAL A 94 -11.94 -1.90 -13.34
N CYS A 95 -12.12 -2.66 -12.26
CA CYS A 95 -13.11 -2.27 -11.24
C CYS A 95 -12.78 -0.91 -10.65
N PHE A 96 -11.50 -0.65 -10.35
CA PHE A 96 -11.10 0.66 -9.85
C PHE A 96 -11.41 1.75 -10.87
N ARG A 97 -11.06 1.52 -12.14
CA ARG A 97 -11.31 2.51 -13.17
C ARG A 97 -12.79 2.81 -13.31
N GLU A 98 -13.61 1.77 -13.41
CA GLU A 98 -15.02 1.95 -13.68
C GLU A 98 -15.75 2.67 -12.55
N ASN A 99 -15.17 2.69 -11.35
CA ASN A 99 -15.79 3.35 -10.21
C ASN A 99 -15.06 4.62 -9.79
N LEU A 100 -14.16 5.13 -10.63
CA LEU A 100 -13.52 6.41 -10.33
C LEU A 100 -14.54 7.52 -10.15
N ARG A 101 -15.68 7.43 -10.82
CA ARG A 101 -16.68 8.50 -10.74
C ARG A 101 -17.23 8.68 -9.32
N THR A 102 -17.15 7.65 -8.47
CA THR A 102 -17.60 7.75 -7.10
C THR A 102 -16.46 7.66 -6.10
N TYR A 103 -15.21 7.69 -6.55
CA TYR A 103 -14.07 7.73 -5.65
C TYR A 103 -14.16 8.95 -4.74
N LEU A 104 -13.96 8.76 -3.44
CA LEU A 104 -14.00 9.86 -2.48
C LEU A 104 -12.64 10.00 -1.82
N ALA A 105 -12.02 11.16 -1.97
CA ALA A 105 -10.73 11.42 -1.33
C ALA A 105 -10.81 11.27 0.18
N ARG A 106 -11.98 11.53 0.78
CA ARG A 106 -12.10 11.42 2.23
C ARG A 106 -12.09 9.99 2.73
N TYR A 107 -12.12 9.01 1.83
CA TYR A 107 -11.98 7.61 2.22
C TYR A 107 -10.52 7.17 2.29
N MET A 108 -9.60 7.94 1.72
CA MET A 108 -8.18 7.69 1.93
C MET A 108 -7.85 7.90 3.39
N ALA A 109 -7.20 6.90 4.00
CA ALA A 109 -6.87 6.92 5.43
C ALA A 109 -8.13 7.13 6.26
N TYR A 110 -9.18 6.39 5.92
CA TYR A 110 -10.43 6.48 6.65
C TYR A 110 -10.24 6.00 8.08
N PRO A 111 -10.80 6.71 9.07
CA PRO A 111 -10.69 6.25 10.46
C PRO A 111 -11.36 4.90 10.67
N ASP A 112 -10.59 3.86 10.97
CA ASP A 112 -11.16 2.52 11.02
C ASP A 112 -12.12 2.32 12.18
N VAL A 113 -12.19 3.27 13.12
CA VAL A 113 -13.15 3.17 14.22
C VAL A 113 -14.58 3.19 13.71
N LEU A 114 -14.81 3.72 12.51
CA LEU A 114 -16.15 3.76 11.92
C LEU A 114 -16.36 2.69 10.88
N CYS A 115 -15.46 1.70 10.80
CA CYS A 115 -15.62 0.57 9.91
C CYS A 115 -16.47 -0.52 10.58
N ALA A 116 -17.31 -1.17 9.80
CA ALA A 116 -18.18 -2.23 10.28
C ALA A 116 -17.62 -3.60 9.92
N VAL A 117 -18.26 -4.64 10.43
CA VAL A 117 -17.80 -6.03 10.31
C VAL A 117 -18.06 -6.53 8.90
N PRO A 118 -17.15 -7.35 8.30
CA PRO A 118 -17.29 -7.71 6.88
C PRO A 118 -17.94 -9.07 6.64
N GLU A 119 -18.33 -9.31 5.39
CA GLU A 119 -19.02 -10.53 4.98
C GLU A 119 -18.06 -11.47 4.25
N LYS A 120 -18.52 -12.70 4.05
CA LYS A 120 -17.75 -13.71 3.33
C LYS A 120 -18.03 -13.62 1.84
N CYS A 121 -17.14 -14.23 1.06
CA CYS A 121 -17.25 -14.21 -0.40
C CYS A 121 -18.51 -14.90 -0.90
N ASP B 1 1.66 15.07 3.47
CA ASP B 1 0.61 14.05 3.32
C ASP B 1 1.17 12.75 2.78
N LEU B 2 0.32 11.72 2.67
CA LEU B 2 0.80 10.40 2.29
C LEU B 2 1.41 10.38 0.90
N TRP B 3 0.88 11.19 -0.03
CA TRP B 3 1.48 11.27 -1.36
C TRP B 3 2.93 11.69 -1.28
N GLN B 4 3.23 12.71 -0.47
CA GLN B 4 4.61 13.19 -0.33
C GLN B 4 5.48 12.13 0.32
N PHE B 5 4.95 11.41 1.31
CA PHE B 5 5.70 10.31 1.93
C PHE B 5 6.06 9.27 0.88
N GLY B 6 5.13 8.97 -0.03
CA GLY B 6 5.42 8.00 -1.07
C GLY B 6 6.47 8.49 -2.05
N GLN B 7 6.49 9.80 -2.32
CA GLN B 7 7.54 10.35 -3.17
C GLN B 7 8.90 10.20 -2.52
N MET B 8 8.98 10.48 -1.23
CA MET B 8 10.21 10.25 -0.46
C MET B 8 10.65 8.79 -0.54
N ILE B 9 9.71 7.86 -0.36
CA ILE B 9 10.06 6.44 -0.38
C ILE B 9 10.65 6.05 -1.73
N LEU B 10 10.00 6.47 -2.81
CA LEU B 10 10.51 6.16 -4.15
C LEU B 10 11.90 6.76 -4.36
N LYS B 11 12.08 8.02 -3.97
CA LYS B 11 13.35 8.68 -4.22
C LYS B 11 14.48 8.05 -3.42
N GLU B 12 14.21 7.64 -2.17
CA GLU B 12 15.26 7.14 -1.31
C GLU B 12 15.58 5.67 -1.56
N THR B 13 14.55 4.85 -1.86
CA THR B 13 14.74 3.42 -2.01
C THR B 13 14.85 2.96 -3.46
N GLY B 14 14.39 3.77 -4.41
CA GLY B 14 14.28 3.33 -5.79
C GLY B 14 13.09 2.44 -6.06
N LYS B 15 12.29 2.10 -5.06
CA LYS B 15 11.12 1.26 -5.24
C LYS B 15 9.85 2.06 -4.94
N LEU B 16 8.79 1.72 -5.65
CA LEU B 16 7.49 2.29 -5.34
C LEU B 16 6.97 1.70 -4.04
N PRO B 17 6.24 2.48 -3.24
CA PRO B 17 5.69 1.94 -1.98
C PRO B 17 4.91 0.65 -2.16
N PHE B 18 4.01 0.60 -3.15
CA PHE B 18 3.36 -0.67 -3.47
C PHE B 18 4.13 -1.41 -4.55
N PRO B 19 4.45 -2.70 -4.38
CA PRO B 19 4.11 -3.48 -3.19
C PRO B 19 5.26 -3.61 -2.19
N TYR B 20 6.42 -3.04 -2.54
CA TYR B 20 7.65 -3.35 -1.83
C TYR B 20 7.58 -3.02 -0.34
N TYR B 21 6.87 -1.97 0.03
CA TYR B 21 6.79 -1.62 1.44
C TYR B 21 5.39 -1.73 2.03
N THR B 22 4.34 -1.46 1.24
CA THR B 22 2.99 -1.53 1.80
C THR B 22 2.59 -2.97 2.14
N THR B 23 3.24 -3.96 1.54
CA THR B 23 2.91 -5.36 1.82
C THR B 23 3.97 -6.06 2.64
N TYR B 24 4.93 -5.32 3.19
CA TYR B 24 6.15 -5.90 3.75
C TYR B 24 5.97 -6.36 5.18
N GLY B 25 6.29 -7.63 5.44
CA GLY B 25 6.50 -8.12 6.79
C GLY B 25 5.24 -8.19 7.63
N CYS B 26 5.43 -8.00 8.93
CA CYS B 26 4.38 -8.14 9.92
C CYS B 26 3.86 -6.82 10.48
N TYR B 27 4.55 -5.72 10.21
CA TYR B 27 4.08 -4.39 10.62
C TYR B 27 3.68 -3.54 9.44
N CYS B 28 4.62 -3.26 8.51
CA CYS B 28 4.30 -2.49 7.32
C CYS B 28 3.09 -3.08 6.60
N GLY B 29 3.12 -4.39 6.36
CA GLY B 29 2.16 -5.06 5.52
C GLY B 29 1.00 -5.72 6.23
N TRP B 30 0.89 -5.58 7.54
CA TRP B 30 -0.20 -6.17 8.30
C TRP B 30 -0.83 -5.13 9.24
N GLY B 31 -0.93 -3.89 8.77
CA GLY B 31 -1.62 -2.85 9.52
C GLY B 31 -1.07 -2.61 10.92
N GLY B 32 0.24 -2.78 11.11
CA GLY B 32 0.82 -2.60 12.42
C GLY B 32 0.34 -3.56 13.48
N GLN B 33 -0.19 -4.72 13.07
CA GLN B 33 -0.72 -5.70 14.01
C GLN B 33 0.32 -6.66 14.55
N GLY B 34 1.49 -6.75 13.91
CA GLY B 34 2.47 -7.74 14.31
C GLY B 34 3.81 -7.15 14.72
N GLN B 35 4.61 -7.93 15.43
CA GLN B 35 5.95 -7.51 15.80
C GLN B 35 6.80 -7.41 14.54
N PRO B 36 7.55 -6.32 14.36
CA PRO B 36 8.38 -6.18 13.16
C PRO B 36 9.36 -7.36 13.02
N LYS B 37 9.52 -7.81 11.78
CA LYS B 37 10.36 -8.97 11.49
C LYS B 37 11.83 -8.62 11.32
N ASP B 38 12.13 -7.42 10.83
CA ASP B 38 13.50 -7.00 10.56
C ASP B 38 13.55 -5.48 10.60
N ALA B 39 14.70 -4.92 10.22
CA ALA B 39 14.89 -3.47 10.33
C ALA B 39 13.94 -2.70 9.41
N THR B 40 13.74 -3.18 8.18
CA THR B 40 12.80 -2.52 7.28
C THR B 40 11.41 -2.48 7.89
N ASP B 41 10.96 -3.60 8.44
CA ASP B 41 9.64 -3.68 9.06
C ASP B 41 9.53 -2.72 10.24
N ARG B 42 10.63 -2.55 10.99
CA ARG B 42 10.61 -1.64 12.13
C ARG B 42 10.52 -0.18 11.72
N CYS B 43 11.01 0.17 10.51
CA CYS B 43 10.90 1.55 10.05
C CYS B 43 9.44 2.01 10.08
N CYS B 44 8.51 1.11 9.72
CA CYS B 44 7.09 1.46 9.74
C CYS B 44 6.58 1.64 11.16
N PHE B 45 7.06 0.81 12.09
CA PHE B 45 6.70 0.95 13.49
C PHE B 45 7.12 2.32 14.03
N VAL B 46 8.36 2.73 13.75
CA VAL B 46 8.85 4.03 14.20
C VAL B 46 8.06 5.15 13.55
N HIS B 47 7.72 4.99 12.27
CA HIS B 47 6.94 6.02 11.57
C HIS B 47 5.57 6.22 12.22
N ASP B 48 4.89 5.13 12.58
CA ASP B 48 3.62 5.25 13.28
C ASP B 48 3.79 5.92 14.64
N CYS B 49 4.82 5.52 15.38
CA CYS B 49 5.12 6.17 16.66
C CYS B 49 5.41 7.66 16.47
N CYS B 50 6.14 7.99 15.40
CA CYS B 50 6.45 9.38 15.10
C CYS B 50 5.18 10.18 14.86
N TYR B 51 4.28 9.65 14.03
CA TYR B 51 2.97 10.28 13.83
C TYR B 51 2.20 10.37 15.14
N GLY B 52 2.30 9.35 15.98
CA GLY B 52 1.55 9.30 17.22
C GLY B 52 1.91 10.41 18.20
N LYS B 53 3.07 11.02 18.05
CA LYS B 53 3.47 12.16 18.87
C LYS B 53 2.85 13.46 18.41
N LEU B 54 2.25 13.49 17.23
CA LEU B 54 1.71 14.72 16.63
C LEU B 54 0.20 14.80 16.84
N THR B 55 -0.18 14.91 18.11
CA THR B 55 -1.59 14.78 18.48
C THR B 55 -2.44 15.92 17.93
N ALA B 56 -1.86 17.10 17.74
CA ALA B 56 -2.59 18.25 17.23
C ALA B 56 -2.43 18.43 15.72
N CYS B 57 -2.02 17.38 15.01
CA CYS B 57 -1.75 17.47 13.58
C CYS B 57 -2.54 16.40 12.84
N LYS B 58 -2.56 16.53 11.51
CA LYS B 58 -3.19 15.58 10.60
C LYS B 58 -2.10 15.06 9.67
N PRO B 59 -1.26 14.12 10.14
CA PRO B 59 -0.08 13.74 9.35
C PRO B 59 -0.41 13.14 8.00
N LYS B 60 -1.58 12.52 7.85
CA LYS B 60 -1.89 11.82 6.61
C LYS B 60 -2.39 12.76 5.51
N THR B 61 -2.92 13.94 5.87
CA THR B 61 -3.52 14.83 4.90
C THR B 61 -2.86 16.19 4.79
N ASP B 62 -2.03 16.59 5.76
CA ASP B 62 -1.41 17.90 5.75
C ASP B 62 -0.23 17.91 4.77
N ARG B 63 -0.25 18.83 3.81
CA ARG B 63 0.81 18.96 2.83
C ARG B 63 1.87 19.92 3.37
N TYR B 64 3.12 19.46 3.38
CA TYR B 64 4.25 20.25 3.85
C TYR B 64 5.15 20.64 2.67
N SER B 65 6.14 21.46 2.97
CA SER B 65 7.14 21.88 1.99
C SER B 65 8.48 21.26 2.33
N TYR B 66 9.19 20.79 1.31
CA TYR B 66 10.54 20.29 1.51
C TYR B 66 11.29 20.36 0.19
N SER B 67 12.62 20.32 0.29
CA SER B 67 13.50 20.27 -0.86
C SER B 67 14.60 19.27 -0.56
N ARG B 68 15.50 19.09 -1.52
CA ARG B 68 16.67 18.23 -1.37
C ARG B 68 17.92 19.05 -1.59
N GLU B 69 18.82 19.02 -0.62
CA GLU B 69 20.10 19.72 -0.69
C GLU B 69 21.21 18.72 -0.38
N ASN B 70 22.14 18.55 -1.31
CA ASN B 70 23.29 17.67 -1.13
C ASN B 70 22.85 16.24 -0.82
N GLY B 71 21.76 15.81 -1.45
CA GLY B 71 21.22 14.48 -1.24
C GLY B 71 20.44 14.30 0.04
N VAL B 72 20.21 15.36 0.81
CA VAL B 72 19.52 15.28 2.08
C VAL B 72 18.17 15.97 1.96
N ILE B 73 17.13 15.35 2.51
CA ILE B 73 15.83 15.98 2.57
C ILE B 73 15.88 17.13 3.58
N ILE B 74 15.47 18.31 3.14
CA ILE B 74 15.42 19.50 3.98
C ILE B 74 13.96 19.90 4.14
N CYS B 75 13.40 19.66 5.32
CA CYS B 75 12.03 20.07 5.59
C CYS B 75 11.97 21.59 5.69
N GLY B 76 11.16 22.21 4.84
CA GLY B 76 11.16 23.64 4.66
C GLY B 76 10.27 24.37 5.63
N GLU B 77 9.93 25.61 5.26
CA GLU B 77 9.08 26.45 6.09
C GLU B 77 7.64 25.94 6.09
N GLY B 78 6.91 26.32 7.13
CA GLY B 78 5.52 25.93 7.26
C GLY B 78 5.12 25.93 8.72
N THR B 79 3.90 25.44 8.95
CA THR B 79 3.39 25.34 10.30
C THR B 79 4.26 24.38 11.11
N PRO B 80 4.20 24.46 12.45
CA PRO B 80 4.88 23.44 13.26
C PRO B 80 4.47 22.02 12.91
N CYS B 81 3.19 21.80 12.64
CA CYS B 81 2.72 20.47 12.25
C CYS B 81 3.35 20.03 10.94
N GLN B 82 3.42 20.94 9.96
CA GLN B 82 3.98 20.60 8.66
C GLN B 82 5.44 20.16 8.78
N LYS B 83 6.24 20.90 9.55
CA LYS B 83 7.63 20.55 9.72
C LYS B 83 7.80 19.21 10.44
N GLN B 84 6.99 18.98 11.48
CA GLN B 84 7.13 17.76 12.26
C GLN B 84 6.65 16.54 11.49
N ILE B 85 5.60 16.69 10.69
CA ILE B 85 5.17 15.59 9.82
C ILE B 85 6.26 15.27 8.81
N CYS B 86 6.82 16.32 8.20
CA CYS B 86 7.91 16.12 7.25
C CYS B 86 9.08 15.36 7.86
N GLU B 87 9.44 15.70 9.10
CA GLU B 87 10.56 15.03 9.75
C GLU B 87 10.27 13.54 9.98
N CYS B 88 9.01 13.22 10.30
CA CYS B 88 8.62 11.81 10.43
C CYS B 88 8.79 11.08 9.10
N ASP B 89 8.30 11.68 8.01
CA ASP B 89 8.38 11.03 6.70
C ASP B 89 9.83 10.90 6.24
N LYS B 90 10.62 11.96 6.40
CA LYS B 90 12.03 11.91 6.06
C LYS B 90 12.75 10.77 6.79
N ALA B 91 12.53 10.67 8.10
CA ALA B 91 13.22 9.66 8.90
C ALA B 91 12.85 8.25 8.43
N ALA B 92 11.60 8.03 8.05
CA ALA B 92 11.17 6.70 7.65
C ALA B 92 11.68 6.33 6.26
N ALA B 93 11.67 7.29 5.32
CA ALA B 93 12.18 7.00 3.99
C ALA B 93 13.68 6.72 4.03
N VAL B 94 14.43 7.49 4.81
CA VAL B 94 15.86 7.23 4.97
C VAL B 94 16.08 5.90 5.69
N CYS B 95 15.21 5.58 6.66
CA CYS B 95 15.30 4.29 7.35
C CYS B 95 15.16 3.14 6.36
N PHE B 96 14.19 3.24 5.44
CA PHE B 96 14.05 2.24 4.39
C PHE B 96 15.34 2.12 3.58
N ARG B 97 15.91 3.26 3.17
CA ARG B 97 17.13 3.22 2.37
C ARG B 97 18.27 2.56 3.15
N GLU B 98 18.43 2.91 4.43
CA GLU B 98 19.52 2.38 5.23
C GLU B 98 19.47 0.86 5.36
N ASN B 99 18.31 0.25 5.15
CA ASN B 99 18.15 -1.18 5.36
C ASN B 99 17.83 -1.92 4.07
N LEU B 100 18.18 -1.35 2.91
CA LEU B 100 17.93 -2.01 1.64
C LEU B 100 18.66 -3.33 1.53
N ARG B 101 19.82 -3.46 2.18
CA ARG B 101 20.63 -4.65 2.00
C ARG B 101 20.20 -5.82 2.87
N THR B 102 19.29 -5.61 3.83
CA THR B 102 18.63 -6.71 4.51
C THR B 102 17.17 -6.86 4.09
N TYR B 103 16.72 -6.10 3.09
CA TYR B 103 15.36 -6.26 2.57
C TYR B 103 15.20 -7.65 1.97
N LEU B 104 14.13 -8.35 2.38
CA LEU B 104 13.85 -9.69 1.89
C LEU B 104 12.54 -9.68 1.10
N ALA B 105 12.62 -10.06 -0.17
CA ALA B 105 11.43 -10.10 -1.01
C ALA B 105 10.40 -11.10 -0.49
N ARG B 106 10.84 -12.17 0.15
CA ARG B 106 9.91 -13.16 0.69
C ARG B 106 9.13 -12.64 1.88
N TYR B 107 9.40 -11.42 2.36
CA TYR B 107 8.57 -10.80 3.37
C TYR B 107 7.41 -10.02 2.78
N MET B 108 7.42 -9.76 1.47
CA MET B 108 6.26 -9.18 0.82
C MET B 108 5.10 -10.16 0.89
N ALA B 109 3.94 -9.67 1.36
CA ALA B 109 2.75 -10.50 1.54
C ALA B 109 3.05 -11.69 2.45
N TYR B 110 3.78 -11.43 3.52
CA TYR B 110 4.15 -12.47 4.46
C TYR B 110 2.91 -13.07 5.11
N PRO B 111 2.84 -14.39 5.25
CA PRO B 111 1.67 -15.00 5.91
C PRO B 111 1.58 -14.57 7.37
N ASP B 112 0.49 -13.88 7.71
CA ASP B 112 0.39 -13.26 9.02
C ASP B 112 0.16 -14.26 10.15
N VAL B 113 -0.14 -15.52 9.83
CA VAL B 113 -0.26 -16.54 10.87
C VAL B 113 1.05 -16.73 11.61
N LEU B 114 2.17 -16.38 11.00
CA LEU B 114 3.47 -16.53 11.61
C LEU B 114 3.98 -15.23 12.24
N CYS B 115 3.15 -14.19 12.27
CA CYS B 115 3.52 -12.94 12.92
C CYS B 115 3.27 -13.02 14.43
N ALA B 116 4.12 -12.36 15.20
CA ALA B 116 3.95 -12.29 16.64
C ALA B 116 3.25 -10.99 17.05
N VAL B 117 2.76 -10.97 18.29
CA VAL B 117 2.03 -9.87 18.91
C VAL B 117 2.89 -8.61 19.05
N PRO B 118 2.31 -7.40 18.91
CA PRO B 118 3.13 -6.19 18.81
C PRO B 118 3.27 -5.43 20.12
N GLU B 119 4.36 -4.66 20.19
CA GLU B 119 4.80 -3.88 21.34
C GLU B 119 4.46 -2.40 21.15
N LYS B 120 4.50 -1.63 22.22
CA LYS B 120 4.08 -0.24 22.09
C LYS B 120 5.28 0.69 21.91
N CYS B 121 4.98 1.92 21.52
CA CYS B 121 6.00 2.94 21.27
C CYS B 121 6.80 3.32 22.51
C BEZ C . -3.64 -4.34 -0.54
O1 BEZ C . -4.34 -4.38 0.49
O2 BEZ C . -2.55 -4.95 -0.58
C1 BEZ C . -4.11 -3.56 -1.74
C2 BEZ C . -3.58 -3.82 -3.01
C3 BEZ C . -4.01 -3.09 -4.11
C4 BEZ C . -4.99 -2.10 -3.96
C5 BEZ C . -5.52 -1.85 -2.70
C6 BEZ C . -5.09 -2.58 -1.59
C BEZ D . 1.30 1.73 5.24
O1 BEZ D . 0.33 2.44 4.91
O2 BEZ D . 1.13 0.81 6.09
C1 BEZ D . 2.66 1.97 4.65
C2 BEZ D . 3.64 1.00 4.74
C3 BEZ D . 4.90 1.23 4.19
C4 BEZ D . 5.18 2.42 3.53
C5 BEZ D . 4.18 3.39 3.44
C6 BEZ D . 2.93 3.17 3.99
#